data_5XAD
#
_entry.id   5XAD
#
_cell.length_a   65.735
_cell.length_b   65.735
_cell.length_c   127.042
_cell.angle_alpha   90.00
_cell.angle_beta   90.00
_cell.angle_gamma   90.00
#
_symmetry.space_group_name_H-M   'P 43 21 2'
#
loop_
_entity.id
_entity.type
_entity.pdbx_description
1 polymer 'Microtubule-associated proteins 1A/1B light chain 3B'
2 polymer 'Uncharacterised protein'
3 water water
#
loop_
_entity_poly.entity_id
_entity_poly.type
_entity_poly.pdbx_seq_one_letter_code
_entity_poly.pdbx_strand_id
1 'polypeptide(L)'
;PSEKTFKQRRTFEQRVEDVRLIREQHPTKIPVIIERYKGEKQLPVLDKTKFLVPDHVNMSELIKIIRRRLQLNANQAFFL
LVNGHSMVSVSTPISEVYESEKDEDGFLYMVYASQETFG
;
A,B
2 'polypeptide(L)' GSIVDEFEELGEQESDIDEFDLLEG C,D
#
# COMPACT_ATOMS: atom_id res chain seq x y z
N PRO A 1 -14.37 23.45 -17.98
CA PRO A 1 -13.65 22.31 -17.39
C PRO A 1 -12.57 22.75 -16.39
N SER A 2 -12.22 21.88 -15.44
CA SER A 2 -11.06 22.09 -14.58
C SER A 2 -10.09 20.93 -14.73
N GLU A 3 -8.85 21.23 -15.07
CA GLU A 3 -7.80 20.22 -15.19
C GLU A 3 -7.22 19.84 -13.85
N LYS A 4 -7.49 20.62 -12.82
CA LYS A 4 -6.79 20.47 -11.55
C LYS A 4 -7.43 19.42 -10.66
N THR A 5 -6.59 18.65 -9.98
CA THR A 5 -7.07 17.72 -8.99
C THR A 5 -7.41 18.48 -7.70
N PHE A 6 -8.05 17.78 -6.77
CA PHE A 6 -8.36 18.40 -5.48
C PHE A 6 -7.10 18.94 -4.80
N LYS A 7 -6.01 18.16 -4.81
CA LYS A 7 -4.78 18.60 -4.17
C LYS A 7 -4.20 19.84 -4.83
N GLN A 8 -4.33 19.97 -6.14
CA GLN A 8 -3.83 21.15 -6.82
C GLN A 8 -4.74 22.36 -6.67
N ARG A 9 -5.98 22.17 -6.24
CA ARG A 9 -6.92 23.27 -6.11
C ARG A 9 -7.02 23.81 -4.69
N ARG A 10 -6.60 23.04 -3.69
CA ARG A 10 -6.66 23.43 -2.29
C ARG A 10 -5.28 23.31 -1.67
N THR A 11 -4.90 24.31 -0.88
CA THR A 11 -3.61 24.25 -0.20
C THR A 11 -3.60 23.13 0.83
N PHE A 12 -2.39 22.79 1.28
CA PHE A 12 -2.27 21.77 2.31
C PHE A 12 -3.05 22.16 3.56
N GLU A 13 -2.94 23.43 3.96
CA GLU A 13 -3.61 23.88 5.18
C GLU A 13 -5.12 23.87 5.02
N GLN A 14 -5.63 24.26 3.85
CA GLN A 14 -7.07 24.19 3.61
C GLN A 14 -7.56 22.76 3.73
N ARG A 15 -6.78 21.82 3.20
CA ARG A 15 -7.21 20.41 3.26
C ARG A 15 -7.14 19.87 4.68
N VAL A 16 -6.08 20.20 5.43
CA VAL A 16 -6.01 19.78 6.83
C VAL A 16 -7.20 20.32 7.60
N GLU A 17 -7.56 21.59 7.37
CA GLU A 17 -8.68 22.18 8.10
C GLU A 17 -10.02 21.58 7.69
N ASP A 18 -10.17 21.23 6.40
CA ASP A 18 -11.37 20.50 5.98
C ASP A 18 -11.51 19.21 6.77
N VAL A 19 -10.42 18.42 6.85
CA VAL A 19 -10.48 17.14 7.55
C VAL A 19 -10.83 17.33 9.03
N ARG A 20 -10.24 18.34 9.70
CA ARG A 20 -10.58 18.59 11.09
C ARG A 20 -12.06 18.85 11.26
N LEU A 21 -12.64 19.68 10.38
CA LEU A 21 -14.06 19.99 10.54
C LEU A 21 -14.92 18.75 10.27
N ILE A 22 -14.56 17.99 9.23
CA ILE A 22 -15.28 16.77 8.93
C ILE A 22 -15.17 15.78 10.08
N ARG A 23 -13.96 15.64 10.65
CA ARG A 23 -13.78 14.79 11.83
C ARG A 23 -14.73 15.17 12.95
N GLU A 24 -14.85 16.47 13.25
CA GLU A 24 -15.65 16.87 14.41
C GLU A 24 -17.14 16.73 14.13
N GLN A 25 -17.57 17.02 12.91
CA GLN A 25 -18.97 16.95 12.53
C GLN A 25 -19.42 15.56 12.08
N HIS A 26 -18.52 14.69 11.64
CA HIS A 26 -18.88 13.36 11.14
C HIS A 26 -17.91 12.33 11.70
N PRO A 27 -18.02 12.00 12.99
CA PRO A 27 -16.99 11.15 13.62
C PRO A 27 -16.93 9.71 13.11
N THR A 28 -17.96 9.18 12.46
CA THR A 28 -17.91 7.82 11.94
C THR A 28 -17.80 7.76 10.42
N LYS A 29 -17.39 8.86 9.80
CA LYS A 29 -17.19 8.91 8.35
C LYS A 29 -15.71 9.08 8.01
N ILE A 30 -15.31 8.55 6.87
CA ILE A 30 -13.97 8.75 6.32
C ILE A 30 -14.09 9.68 5.13
N PRO A 31 -13.31 10.77 5.06
CA PRO A 31 -13.35 11.68 3.91
C PRO A 31 -12.49 11.15 2.78
N VAL A 32 -13.09 10.92 1.61
CA VAL A 32 -12.44 10.24 0.49
C VAL A 32 -12.55 11.12 -0.76
N ILE A 33 -11.42 11.29 -1.45
CA ILE A 33 -11.36 11.94 -2.74
C ILE A 33 -11.22 10.85 -3.80
N ILE A 34 -12.16 10.82 -4.74
CA ILE A 34 -12.19 9.77 -5.78
C ILE A 34 -12.12 10.46 -7.14
N GLU A 35 -11.00 10.29 -7.85
CA GLU A 35 -10.77 10.94 -9.13
C GLU A 35 -10.44 9.94 -10.23
N ARG A 36 -10.75 10.32 -11.46
CA ARG A 36 -10.42 9.44 -12.58
C ARG A 36 -8.95 9.50 -12.87
N TYR A 37 -8.36 8.32 -13.06
CA TYR A 37 -6.96 8.21 -13.41
C TYR A 37 -6.61 9.16 -14.55
N LYS A 38 -5.41 9.73 -14.44
CA LYS A 38 -5.10 11.00 -15.08
C LYS A 38 -5.18 10.94 -16.59
N GLY A 39 -5.02 9.76 -17.18
CA GLY A 39 -5.22 9.54 -18.60
C GLY A 39 -6.23 8.48 -18.96
N GLU A 40 -6.99 8.00 -17.98
CA GLU A 40 -7.97 6.95 -18.18
C GLU A 40 -8.82 7.23 -19.42
N LYS A 41 -9.18 6.19 -20.16
CA LYS A 41 -9.78 6.53 -21.43
C LYS A 41 -11.09 5.80 -21.70
N GLN A 42 -11.26 4.62 -21.10
CA GLN A 42 -12.49 3.86 -21.27
C GLN A 42 -13.60 4.36 -20.36
N LEU A 43 -13.28 4.69 -19.10
CA LEU A 43 -14.27 5.04 -18.08
C LEU A 43 -14.68 6.51 -18.16
N PRO A 44 -15.93 6.80 -17.84
CA PRO A 44 -16.41 8.18 -17.81
C PRO A 44 -15.91 8.91 -16.55
N VAL A 45 -16.22 10.20 -16.49
CA VAL A 45 -15.90 11.04 -15.34
C VAL A 45 -17.06 10.99 -14.35
N LEU A 46 -16.73 10.86 -13.08
CA LEU A 46 -17.73 10.96 -12.03
C LEU A 46 -18.22 12.40 -11.92
N ASP A 47 -19.51 12.55 -11.63
CA ASP A 47 -20.10 13.88 -11.49
C ASP A 47 -19.46 14.65 -10.34
N LYS A 48 -19.23 13.98 -9.21
CA LYS A 48 -18.60 14.51 -8.02
C LYS A 48 -17.40 13.67 -7.66
N THR A 49 -16.46 14.27 -6.95
CA THR A 49 -15.26 13.58 -6.53
C THR A 49 -15.04 13.53 -5.03
N LYS A 50 -15.84 14.22 -4.23
CA LYS A 50 -15.60 14.32 -2.80
C LYS A 50 -16.73 13.65 -2.02
N PHE A 51 -16.37 12.71 -1.16
CA PHE A 51 -17.36 11.87 -0.50
C PHE A 51 -17.01 11.69 0.97
N LEU A 52 -18.05 11.41 1.76
CA LEU A 52 -17.85 10.90 3.10
C LEU A 52 -18.36 9.47 3.11
N VAL A 53 -17.54 8.54 3.56
CA VAL A 53 -17.84 7.12 3.48
C VAL A 53 -17.96 6.59 4.90
N PRO A 54 -19.02 5.90 5.25
CA PRO A 54 -19.15 5.36 6.61
C PRO A 54 -18.01 4.39 6.93
N ASP A 55 -17.56 4.44 8.18
CA ASP A 55 -16.43 3.65 8.64
C ASP A 55 -16.58 2.18 8.25
N HIS A 56 -17.81 1.65 8.33
CA HIS A 56 -18.01 0.21 8.18
C HIS A 56 -17.94 -0.25 6.72
N VAL A 57 -18.06 0.66 5.75
CA VAL A 57 -18.08 0.27 4.34
C VAL A 57 -16.71 -0.24 3.93
N ASN A 58 -16.65 -1.44 3.34
CA ASN A 58 -15.37 -1.95 2.87
C ASN A 58 -15.14 -1.58 1.40
N MET A 59 -13.94 -1.91 0.89
CA MET A 59 -13.60 -1.52 -0.47
C MET A 59 -14.51 -2.19 -1.48
N SER A 60 -14.87 -3.46 -1.25
CA SER A 60 -15.79 -4.15 -2.17
C SER A 60 -17.09 -3.37 -2.32
N GLU A 61 -17.63 -2.91 -1.19
CA GLU A 61 -18.88 -2.16 -1.22
C GLU A 61 -18.69 -0.80 -1.86
N LEU A 62 -17.58 -0.13 -1.58
CA LEU A 62 -17.31 1.16 -2.22
C LEU A 62 -17.18 1.02 -3.72
N ILE A 63 -16.43 0.02 -4.18
CA ILE A 63 -16.27 -0.21 -5.61
C ILE A 63 -17.62 -0.33 -6.29
N LYS A 64 -18.53 -1.09 -5.70
CA LYS A 64 -19.82 -1.32 -6.35
C LYS A 64 -20.68 -0.06 -6.33
N ILE A 65 -20.54 0.78 -5.30
CA ILE A 65 -21.22 2.07 -5.27
C ILE A 65 -20.74 2.96 -6.41
N ILE A 66 -19.42 3.07 -6.58
CA ILE A 66 -18.88 3.93 -7.63
C ILE A 66 -19.23 3.38 -9.01
N ARG A 67 -19.10 2.06 -9.20
CA ARG A 67 -19.49 1.48 -10.49
C ARG A 67 -20.94 1.83 -10.83
N ARG A 68 -21.83 1.74 -9.84
CA ARG A 68 -23.24 2.03 -10.10
C ARG A 68 -23.44 3.49 -10.42
N ARG A 69 -22.69 4.36 -9.75
CA ARG A 69 -22.75 5.79 -10.05
C ARG A 69 -22.25 6.08 -11.45
N LEU A 70 -21.22 5.37 -11.89
CA LEU A 70 -20.72 5.55 -13.25
C LEU A 70 -21.60 4.88 -14.29
N GLN A 71 -22.67 4.19 -13.87
CA GLN A 71 -23.58 3.50 -14.79
C GLN A 71 -22.83 2.48 -15.67
N LEU A 72 -21.87 1.79 -15.07
CA LEU A 72 -21.06 0.83 -15.81
C LEU A 72 -21.85 -0.43 -16.15
N ASN A 73 -21.60 -1.00 -17.34
CA ASN A 73 -21.96 -2.41 -17.51
C ASN A 73 -21.30 -3.28 -16.46
N ALA A 74 -22.02 -4.35 -16.12
CA ALA A 74 -21.48 -5.33 -15.18
C ALA A 74 -20.13 -5.87 -15.62
N ASN A 75 -19.88 -5.93 -16.93
CA ASN A 75 -18.70 -6.59 -17.44
C ASN A 75 -17.52 -5.65 -17.62
N GLN A 76 -17.76 -4.34 -17.62
CA GLN A 76 -16.69 -3.37 -17.78
C GLN A 76 -15.66 -3.47 -16.67
N ALA A 77 -14.39 -3.41 -17.04
CA ALA A 77 -13.32 -3.48 -16.06
C ALA A 77 -13.19 -2.17 -15.30
N PHE A 78 -12.99 -2.27 -13.99
CA PHE A 78 -12.87 -1.09 -13.15
C PHE A 78 -12.01 -1.46 -11.95
N PHE A 79 -11.09 -0.57 -11.61
CA PHE A 79 -10.26 -0.75 -10.42
C PHE A 79 -10.24 0.56 -9.67
N LEU A 80 -10.23 0.46 -8.34
CA LEU A 80 -10.13 1.62 -7.45
C LEU A 80 -8.81 1.56 -6.69
N LEU A 81 -7.87 2.45 -7.04
CA LEU A 81 -6.52 2.38 -6.49
C LEU A 81 -6.40 3.39 -5.36
N VAL A 82 -6.06 2.90 -4.16
CA VAL A 82 -5.99 3.69 -2.95
C VAL A 82 -4.56 4.13 -2.71
N ASN A 83 -4.37 5.43 -2.44
CA ASN A 83 -3.06 5.98 -2.11
C ASN A 83 -2.01 5.44 -3.07
N GLY A 84 -2.41 5.32 -4.34
CA GLY A 84 -1.52 4.83 -5.35
C GLY A 84 -1.19 3.40 -5.06
N HIS A 85 -1.97 2.50 -5.69
CA HIS A 85 -1.81 1.06 -5.75
C HIS A 85 -3.10 0.32 -5.42
N SER A 86 -3.25 -0.76 -6.17
CA SER A 86 -4.27 -1.78 -6.02
C SER A 86 -4.33 -2.35 -4.60
N MET A 87 -5.53 -2.35 -4.03
CA MET A 87 -5.76 -2.88 -2.69
C MET A 87 -5.96 -4.39 -2.74
N VAL A 88 -5.31 -5.12 -1.84
CA VAL A 88 -5.43 -6.58 -1.93
C VAL A 88 -6.61 -7.08 -1.10
N SER A 89 -6.76 -6.65 0.14
CA SER A 89 -7.97 -6.94 0.89
C SER A 89 -9.10 -6.02 0.44
N VAL A 90 -10.24 -6.59 0.08
CA VAL A 90 -11.43 -5.79 -0.21
C VAL A 90 -12.48 -5.91 0.88
N SER A 91 -12.26 -6.76 1.87
CA SER A 91 -13.14 -6.89 3.03
C SER A 91 -12.86 -5.87 4.12
N THR A 92 -11.74 -5.16 4.07
CA THR A 92 -11.31 -4.31 5.18
C THR A 92 -12.21 -3.08 5.30
N PRO A 93 -12.77 -2.78 6.47
CA PRO A 93 -13.56 -1.56 6.61
C PRO A 93 -12.71 -0.35 6.28
N ILE A 94 -13.33 0.67 5.68
CA ILE A 94 -12.57 1.82 5.19
C ILE A 94 -11.92 2.56 6.36
N SER A 95 -12.53 2.50 7.54
CA SER A 95 -11.88 3.07 8.73
C SER A 95 -10.49 2.47 8.96
N GLU A 96 -10.30 1.18 8.62
CA GLU A 96 -8.98 0.58 8.83
C GLU A 96 -8.07 0.85 7.63
N VAL A 97 -8.63 0.89 6.42
CA VAL A 97 -7.88 1.35 5.26
C VAL A 97 -7.31 2.73 5.51
N TYR A 98 -8.14 3.62 6.08
CA TYR A 98 -7.73 4.97 6.39
C TYR A 98 -6.48 4.99 7.25
N GLU A 99 -6.43 4.12 8.25
CA GLU A 99 -5.33 4.12 9.20
C GLU A 99 -3.99 3.85 8.52
N SER A 100 -4.00 3.04 7.47
CA SER A 100 -2.78 2.65 6.77
C SER A 100 -2.49 3.48 5.53
N GLU A 101 -3.48 4.15 4.96
CA GLU A 101 -3.33 4.76 3.65
C GLU A 101 -3.66 6.24 3.60
N LYS A 102 -4.10 6.85 4.70
CA LYS A 102 -4.47 8.26 4.65
C LYS A 102 -3.26 9.12 4.27
N ASP A 103 -3.54 10.21 3.58
CA ASP A 103 -2.55 11.18 3.19
C ASP A 103 -2.11 11.98 4.41
N GLU A 104 -0.97 12.66 4.25
CA GLU A 104 -0.49 13.55 5.31
C GLU A 104 -1.51 14.63 5.61
N ASP A 105 -2.35 15.00 4.64
CA ASP A 105 -3.33 16.05 4.89
C ASP A 105 -4.60 15.53 5.56
N GLY A 106 -4.75 14.21 5.74
CA GLY A 106 -5.91 13.67 6.41
C GLY A 106 -6.99 13.11 5.49
N PHE A 107 -6.90 13.37 4.20
CA PHE A 107 -7.84 12.78 3.25
C PHE A 107 -7.33 11.40 2.84
N LEU A 108 -8.27 10.59 2.35
CA LEU A 108 -7.96 9.32 1.70
C LEU A 108 -8.17 9.50 0.21
N TYR A 109 -7.12 9.28 -0.58
CA TYR A 109 -7.14 9.56 -2.02
C TYR A 109 -7.25 8.27 -2.81
N MET A 110 -8.19 8.22 -3.73
CA MET A 110 -8.30 7.09 -4.63
C MET A 110 -8.41 7.57 -6.06
N VAL A 111 -7.97 6.71 -6.99
CA VAL A 111 -8.11 6.94 -8.42
C VAL A 111 -8.68 5.68 -9.05
N TYR A 112 -9.56 5.85 -10.02
CA TYR A 112 -10.15 4.72 -10.69
C TYR A 112 -9.69 4.71 -12.14
N ALA A 113 -9.49 3.49 -12.66
CA ALA A 113 -8.91 3.26 -13.97
C ALA A 113 -9.42 1.93 -14.48
N SER A 114 -9.15 1.67 -15.77
CA SER A 114 -9.53 0.42 -16.42
C SER A 114 -8.57 -0.72 -16.15
N GLN A 115 -7.44 -0.48 -15.47
CA GLN A 115 -6.52 -1.57 -15.14
C GLN A 115 -5.70 -1.15 -13.93
N GLU A 116 -4.97 -2.13 -13.35
CA GLU A 116 -4.30 -1.89 -12.07
C GLU A 116 -2.87 -1.38 -12.22
N THR A 117 -2.23 -1.61 -13.35
CA THR A 117 -0.87 -1.12 -13.55
C THR A 117 -0.70 -0.43 -14.88
N PRO B 1 14.81 -20.78 16.80
CA PRO B 1 13.86 -20.23 15.83
C PRO B 1 12.92 -19.21 16.48
N SER B 2 12.31 -18.38 15.65
CA SER B 2 11.20 -17.54 16.05
C SER B 2 9.99 -18.01 15.26
N GLU B 3 8.93 -18.39 15.97
CA GLU B 3 7.72 -18.84 15.30
C GLU B 3 6.86 -17.69 14.78
N LYS B 4 7.09 -16.46 15.26
CA LYS B 4 6.34 -15.32 14.77
C LYS B 4 7.06 -14.71 13.57
N THR B 5 6.27 -14.24 12.61
CA THR B 5 6.81 -13.58 11.43
C THR B 5 7.20 -12.13 11.75
N PHE B 6 7.86 -11.51 10.78
CA PHE B 6 8.23 -10.11 10.86
C PHE B 6 7.02 -9.22 11.14
N LYS B 7 5.89 -9.48 10.46
CA LYS B 7 4.70 -8.66 10.69
C LYS B 7 4.18 -8.82 12.11
N GLN B 8 4.31 -10.01 12.70
CA GLN B 8 3.86 -10.22 14.07
C GLN B 8 4.83 -9.65 15.10
N ARG B 9 6.04 -9.26 14.70
CA ARG B 9 7.02 -8.68 15.62
C ARG B 9 7.11 -7.17 15.53
N ARG B 10 6.68 -6.57 14.43
CA ARG B 10 6.80 -5.14 14.24
C ARG B 10 5.44 -4.58 13.86
N THR B 11 5.07 -3.48 14.50
CA THR B 11 3.83 -2.80 14.17
C THR B 11 3.88 -2.23 12.76
N PHE B 12 2.70 -1.86 12.24
CA PHE B 12 2.65 -1.23 10.93
C PHE B 12 3.50 0.04 10.89
N GLU B 13 3.42 0.87 11.93
CA GLU B 13 4.20 2.11 11.92
C GLU B 13 5.71 1.84 11.98
N GLN B 14 6.14 0.81 12.73
CA GLN B 14 7.56 0.47 12.72
C GLN B 14 8.02 -0.03 11.36
N ARG B 15 7.21 -0.83 10.67
CA ARG B 15 7.65 -1.34 9.38
C ARG B 15 7.71 -0.23 8.33
N VAL B 16 6.71 0.65 8.33
CA VAL B 16 6.73 1.80 7.44
C VAL B 16 7.96 2.65 7.70
N GLU B 17 8.31 2.84 8.97
CA GLU B 17 9.47 3.67 9.27
C GLU B 17 10.76 2.99 8.78
N ASP B 18 10.86 1.67 8.95
CA ASP B 18 12.01 0.95 8.41
C ASP B 18 12.14 1.18 6.90
N VAL B 19 11.04 1.02 6.17
CA VAL B 19 11.09 1.19 4.72
C VAL B 19 11.55 2.60 4.37
N ARG B 20 11.03 3.59 5.09
CA ARG B 20 11.42 4.98 4.86
C ARG B 20 12.92 5.17 5.05
N LEU B 21 13.46 4.63 6.15
CA LEU B 21 14.89 4.80 6.44
C LEU B 21 15.75 4.09 5.43
N ILE B 22 15.38 2.86 5.08
CA ILE B 22 16.10 2.10 4.06
C ILE B 22 16.03 2.83 2.71
N ARG B 23 14.85 3.35 2.36
CA ARG B 23 14.71 4.13 1.13
C ARG B 23 15.72 5.26 1.07
N GLU B 24 15.92 5.94 2.19
CA GLU B 24 16.87 7.05 2.25
C GLU B 24 18.32 6.53 2.32
N GLN B 25 18.56 5.40 2.99
CA GLN B 25 19.92 4.91 3.10
C GLN B 25 20.36 4.13 1.86
N HIS B 26 19.44 3.47 1.18
CA HIS B 26 19.74 2.73 -0.06
C HIS B 26 18.66 2.95 -1.09
N PRO B 27 18.71 4.09 -1.79
CA PRO B 27 17.59 4.45 -2.69
C PRO B 27 17.37 3.47 -3.83
N THR B 28 18.36 2.64 -4.18
CA THR B 28 18.17 1.71 -5.29
C THR B 28 17.98 0.27 -4.83
N LYS B 29 17.66 0.04 -3.57
CA LYS B 29 17.44 -1.31 -3.08
C LYS B 29 15.96 -1.54 -2.79
N ILE B 30 15.54 -2.78 -2.95
CA ILE B 30 14.16 -3.19 -2.65
C ILE B 30 14.20 -3.95 -1.33
N PRO B 31 13.41 -3.56 -0.33
CA PRO B 31 13.41 -4.29 0.95
C PRO B 31 12.49 -5.49 0.82
N VAL B 32 13.04 -6.68 1.03
CA VAL B 32 12.28 -7.90 0.81
C VAL B 32 12.36 -8.78 2.05
N ILE B 33 11.20 -9.26 2.50
CA ILE B 33 11.12 -10.29 3.54
C ILE B 33 10.91 -11.62 2.83
N ILE B 34 11.84 -12.55 3.02
CA ILE B 34 11.79 -13.85 2.38
C ILE B 34 11.80 -14.90 3.49
N GLU B 35 10.68 -15.56 3.66
CA GLU B 35 10.51 -16.51 4.74
C GLU B 35 10.18 -17.85 4.12
N ARG B 36 10.52 -18.92 4.81
CA ARG B 36 10.12 -20.22 4.32
C ARG B 36 8.63 -20.41 4.58
N TYR B 37 7.90 -20.84 3.55
CA TYR B 37 6.46 -21.02 3.65
C TYR B 37 6.08 -21.88 4.85
N LYS B 38 4.98 -21.50 5.53
CA LYS B 38 4.65 -22.14 6.80
C LYS B 38 4.28 -23.61 6.67
N GLY B 39 3.92 -24.07 5.47
CA GLY B 39 3.60 -25.46 5.29
C GLY B 39 4.72 -26.24 4.66
N GLU B 40 5.90 -25.64 4.52
CA GLU B 40 7.05 -26.25 3.89
C GLU B 40 7.98 -26.80 4.95
N LYS B 41 8.41 -28.04 4.77
CA LYS B 41 9.40 -28.66 5.65
C LYS B 41 10.46 -29.45 4.91
N GLN B 42 10.27 -29.73 3.62
CA GLN B 42 11.30 -30.44 2.87
C GLN B 42 12.50 -29.54 2.62
N LEU B 43 12.28 -28.27 2.32
CA LEU B 43 13.39 -27.36 2.04
C LEU B 43 14.04 -26.89 3.34
N PRO B 44 15.32 -26.54 3.30
CA PRO B 44 15.97 -26.01 4.51
C PRO B 44 15.49 -24.61 4.81
N VAL B 45 15.84 -24.14 6.01
CA VAL B 45 15.53 -22.78 6.44
C VAL B 45 16.75 -21.91 6.15
N LEU B 46 16.51 -20.73 5.57
CA LEU B 46 17.60 -19.79 5.43
C LEU B 46 17.94 -19.18 6.80
N ASP B 47 19.22 -18.85 6.96
CA ASP B 47 19.68 -18.24 8.21
C ASP B 47 18.95 -16.93 8.50
N LYS B 48 18.70 -16.12 7.47
CA LYS B 48 18.02 -14.84 7.62
C LYS B 48 16.79 -14.76 6.71
N THR B 49 15.90 -13.82 7.08
CA THR B 49 14.67 -13.57 6.35
C THR B 49 14.55 -12.14 5.83
N LYS B 50 15.46 -11.24 6.22
CA LYS B 50 15.35 -9.82 5.86
C LYS B 50 16.46 -9.49 4.88
N PHE B 51 16.10 -8.96 3.71
CA PHE B 51 17.08 -8.75 2.65
C PHE B 51 16.85 -7.41 1.95
N LEU B 52 17.92 -6.90 1.35
CA LEU B 52 17.83 -5.80 0.40
C LEU B 52 18.33 -6.28 -0.96
N VAL B 53 17.54 -6.05 -2.00
CA VAL B 53 17.80 -6.58 -3.34
C VAL B 53 18.03 -5.41 -4.29
N PRO B 54 19.10 -5.40 -5.08
CA PRO B 54 19.31 -4.30 -6.04
C PRO B 54 18.18 -4.23 -7.05
N ASP B 55 17.86 -2.98 -7.45
CA ASP B 55 16.76 -2.74 -8.39
C ASP B 55 16.86 -3.59 -9.65
N HIS B 56 18.06 -3.76 -10.17
CA HIS B 56 18.23 -4.36 -11.49
C HIS B 56 18.05 -5.87 -11.49
N VAL B 57 18.12 -6.51 -10.32
CA VAL B 57 18.05 -7.97 -10.25
C VAL B 57 16.65 -8.41 -10.66
N ASN B 58 16.58 -9.27 -11.65
CA ASN B 58 15.26 -9.77 -12.02
C ASN B 58 14.93 -10.99 -11.16
N MET B 59 13.68 -11.44 -11.26
CA MET B 59 13.24 -12.55 -10.41
C MET B 59 14.09 -13.79 -10.67
N SER B 60 14.49 -14.00 -11.92
CA SER B 60 15.35 -15.13 -12.26
C SER B 60 16.63 -15.13 -11.45
N GLU B 61 17.26 -13.95 -11.30
CA GLU B 61 18.50 -13.86 -10.55
C GLU B 61 18.26 -14.09 -9.06
N LEU B 62 17.16 -13.56 -8.53
CA LEU B 62 16.79 -13.80 -7.13
C LEU B 62 16.54 -15.29 -6.87
N ILE B 63 15.79 -15.94 -7.76
CA ILE B 63 15.56 -17.38 -7.63
C ILE B 63 16.88 -18.08 -7.45
N LYS B 64 17.84 -17.66 -8.26
CA LYS B 64 19.08 -18.39 -8.38
C LYS B 64 19.91 -18.20 -7.11
N ILE B 65 19.84 -17.00 -6.53
CA ILE B 65 20.51 -16.71 -5.26
C ILE B 65 19.93 -17.58 -4.15
N ILE B 66 18.61 -17.61 -4.05
CA ILE B 66 17.96 -18.38 -2.99
C ILE B 66 18.18 -19.88 -3.21
N ARG B 67 18.06 -20.35 -4.46
CA ARG B 67 18.29 -21.76 -4.77
C ARG B 67 19.68 -22.22 -4.31
N ARG B 68 20.69 -21.37 -4.55
CA ARG B 68 22.08 -21.63 -4.19
C ARG B 68 22.27 -21.66 -2.70
N ARG B 69 21.63 -20.72 -2.00
CA ARG B 69 21.72 -20.66 -0.56
C ARG B 69 21.07 -21.87 0.08
N LEU B 70 19.99 -22.36 -0.51
CA LEU B 70 19.31 -23.54 -0.01
C LEU B 70 20.03 -24.84 -0.37
N GLN B 71 21.16 -24.76 -1.07
CA GLN B 71 21.96 -25.93 -1.44
C GLN B 71 21.12 -26.93 -2.24
N LEU B 72 20.23 -26.40 -3.08
CA LEU B 72 19.31 -27.25 -3.81
C LEU B 72 20.03 -27.99 -4.93
N ASN B 73 19.68 -29.25 -5.08
CA ASN B 73 20.04 -29.95 -6.31
C ASN B 73 19.37 -29.24 -7.48
N ALA B 74 20.03 -29.28 -8.64
CA ALA B 74 19.50 -28.70 -9.89
C ALA B 74 18.11 -29.23 -10.17
N ASN B 75 17.84 -30.36 -9.54
CA ASN B 75 16.76 -31.25 -9.91
C ASN B 75 15.48 -30.88 -9.16
N GLN B 76 15.66 -30.26 -7.98
CA GLN B 76 14.57 -29.84 -7.11
C GLN B 76 13.78 -28.69 -7.71
N ALA B 77 12.47 -28.84 -7.82
CA ALA B 77 11.60 -27.73 -8.21
C ALA B 77 11.18 -26.95 -6.96
N PHE B 78 11.18 -25.63 -7.06
CA PHE B 78 10.82 -24.80 -5.91
C PHE B 78 10.23 -23.48 -6.42
N PHE B 79 9.36 -22.90 -5.60
CA PHE B 79 8.66 -21.67 -5.92
C PHE B 79 9.10 -20.56 -4.99
N LEU B 80 9.17 -19.35 -5.55
CA LEU B 80 9.29 -18.12 -4.78
C LEU B 80 7.97 -17.40 -4.99
N LEU B 81 7.13 -17.38 -3.96
CA LEU B 81 5.76 -16.90 -4.05
C LEU B 81 5.67 -15.52 -3.41
N VAL B 82 5.15 -14.54 -4.14
CA VAL B 82 5.02 -13.18 -3.65
C VAL B 82 3.62 -12.98 -3.07
N ASN B 83 3.56 -12.49 -1.83
CA ASN B 83 2.36 -11.95 -1.18
C ASN B 83 1.12 -12.77 -1.51
N GLY B 84 0.07 -12.08 -1.95
CA GLY B 84 -1.07 -12.72 -2.58
C GLY B 84 -1.18 -12.16 -3.98
N HIS B 85 -0.11 -12.32 -4.74
CA HIS B 85 -0.08 -12.00 -6.16
C HIS B 85 0.33 -13.22 -6.97
N SER B 86 -0.25 -13.33 -8.16
CA SER B 86 0.14 -14.32 -9.16
C SER B 86 1.61 -14.15 -9.54
N MET B 87 2.23 -15.27 -9.93
CA MET B 87 3.62 -15.26 -10.32
C MET B 87 3.77 -14.55 -11.67
N VAL B 88 4.78 -13.69 -11.77
CA VAL B 88 5.08 -12.97 -13.02
C VAL B 88 6.24 -13.64 -13.74
N SER B 89 6.56 -13.16 -14.93
CA SER B 89 7.69 -13.69 -15.69
C SER B 89 8.98 -13.44 -14.90
N VAL B 90 9.83 -14.46 -14.87
CA VAL B 90 11.10 -14.34 -14.14
C VAL B 90 12.07 -13.40 -14.82
N SER B 91 11.68 -12.84 -15.97
CA SER B 91 12.42 -11.75 -16.60
C SER B 91 12.14 -10.41 -15.92
N THR B 92 11.10 -10.35 -15.10
CA THR B 92 10.65 -9.07 -14.55
C THR B 92 11.67 -8.56 -13.54
N PRO B 93 12.15 -7.32 -13.68
CA PRO B 93 13.03 -6.76 -12.64
C PRO B 93 12.29 -6.60 -11.31
N ILE B 94 13.02 -6.82 -10.21
CA ILE B 94 12.39 -6.81 -8.89
C ILE B 94 11.82 -5.44 -8.57
N SER B 95 12.44 -4.37 -9.08
CA SER B 95 11.89 -3.03 -8.91
C SER B 95 10.47 -2.97 -9.42
N GLU B 96 10.18 -3.71 -10.47
CA GLU B 96 8.91 -3.56 -11.13
C GLU B 96 7.88 -4.47 -10.44
N VAL B 97 8.34 -5.61 -9.95
CA VAL B 97 7.57 -6.42 -8.99
C VAL B 97 7.25 -5.60 -7.74
N TYR B 98 8.25 -4.90 -7.22
CA TYR B 98 8.03 -4.09 -6.02
C TYR B 98 6.92 -3.09 -6.23
N GLU B 99 6.92 -2.41 -7.37
CA GLU B 99 5.97 -1.33 -7.59
C GLU B 99 4.52 -1.84 -7.61
N SER B 100 4.31 -3.05 -8.15
CA SER B 100 2.95 -3.56 -8.30
C SER B 100 2.52 -4.51 -7.20
N GLU B 101 3.45 -5.06 -6.41
CA GLU B 101 3.12 -6.15 -5.49
C GLU B 101 3.51 -5.89 -4.04
N LYS B 102 4.15 -4.76 -3.75
CA LYS B 102 4.57 -4.46 -2.39
C LYS B 102 3.37 -4.38 -1.45
N ASP B 103 3.62 -4.71 -0.19
CA ASP B 103 2.64 -4.60 0.89
C ASP B 103 2.33 -3.12 1.17
N GLU B 104 1.23 -2.88 1.89
CA GLU B 104 0.92 -1.51 2.29
C GLU B 104 2.03 -0.92 3.14
N ASP B 105 2.78 -1.75 3.85
CA ASP B 105 3.82 -1.21 4.73
C ASP B 105 5.09 -0.85 3.99
N GLY B 106 5.20 -1.16 2.71
CA GLY B 106 6.37 -0.81 1.93
C GLY B 106 7.33 -1.96 1.72
N PHE B 107 7.16 -3.07 2.43
CA PHE B 107 7.98 -4.25 2.21
C PHE B 107 7.36 -5.12 1.12
N LEU B 108 8.22 -5.93 0.49
CA LEU B 108 7.83 -6.95 -0.47
C LEU B 108 8.01 -8.29 0.25
N TYR B 109 6.94 -9.05 0.39
CA TYR B 109 6.97 -10.28 1.17
C TYR B 109 6.95 -11.47 0.23
N MET B 110 7.90 -12.39 0.39
CA MET B 110 7.87 -13.62 -0.39
C MET B 110 8.10 -14.81 0.53
N VAL B 111 7.63 -15.97 0.08
CA VAL B 111 7.88 -17.24 0.76
C VAL B 111 8.42 -18.23 -0.27
N TYR B 112 9.27 -19.13 0.19
CA TYR B 112 9.78 -20.17 -0.70
C TYR B 112 9.24 -21.53 -0.26
N ALA B 113 8.97 -22.37 -1.25
CA ALA B 113 8.40 -23.69 -0.99
C ALA B 113 8.75 -24.59 -2.16
N SER B 114 8.65 -25.89 -1.94
CA SER B 114 8.87 -26.87 -2.99
C SER B 114 7.55 -27.19 -3.68
N GLN B 115 7.65 -27.67 -4.92
CA GLN B 115 6.44 -28.05 -5.67
C GLN B 115 5.71 -29.22 -5.04
N GLU B 116 6.38 -30.01 -4.20
CA GLU B 116 5.80 -31.24 -3.69
C GLU B 116 4.98 -31.00 -2.43
N THR B 117 5.19 -29.85 -1.79
CA THR B 117 4.36 -29.42 -0.68
C THR B 117 2.90 -29.26 -1.09
N PHE B 118 2.65 -29.01 -2.38
CA PHE B 118 1.32 -28.73 -2.89
C PHE B 118 0.79 -29.92 -3.70
N GLY B 119 -0.27 -29.69 -4.48
CA GLY B 119 -0.97 -30.73 -5.19
C GLY B 119 -0.16 -31.45 -6.25
N SER C 2 -16.28 20.88 -13.43
CA SER C 2 -16.31 20.60 -11.99
C SER C 2 -15.87 21.83 -11.20
N ILE C 3 -15.65 22.95 -11.89
CA ILE C 3 -15.51 24.24 -11.22
C ILE C 3 -16.73 25.08 -11.53
N VAL C 4 -17.11 25.90 -10.56
CA VAL C 4 -18.28 26.76 -10.64
C VAL C 4 -17.82 28.18 -10.33
N ASP C 5 -18.25 29.13 -11.17
CA ASP C 5 -18.05 30.54 -10.93
C ASP C 5 -19.40 31.24 -10.99
N GLU C 6 -19.80 31.86 -9.89
CA GLU C 6 -21.10 32.49 -9.79
C GLU C 6 -20.92 33.99 -9.88
N PHE C 7 -21.60 34.62 -10.85
CA PHE C 7 -21.56 36.06 -11.05
C PHE C 7 -22.90 36.67 -10.68
N GLU C 8 -22.88 37.74 -9.90
CA GLU C 8 -24.13 38.38 -9.57
C GLU C 8 -24.33 39.56 -10.52
N GLU C 9 -25.55 39.74 -11.03
CA GLU C 9 -25.80 40.86 -11.94
C GLU C 9 -26.24 42.06 -11.13
N LEU C 10 -25.50 43.16 -11.26
CA LEU C 10 -25.71 44.39 -10.53
C LEU C 10 -26.61 45.34 -11.31
N GLY C 11 -27.12 46.35 -10.63
CA GLY C 11 -27.91 47.37 -11.29
C GLY C 11 -29.26 46.87 -11.71
N GLU C 12 -29.69 45.74 -11.16
CA GLU C 12 -30.98 45.13 -11.48
C GLU C 12 -31.99 45.53 -10.41
N GLN C 13 -32.83 46.50 -10.75
CA GLN C 13 -33.99 46.91 -9.96
C GLN C 13 -35.15 46.70 -10.91
N GLU C 14 -36.25 46.12 -10.45
CA GLU C 14 -36.49 45.70 -9.10
C GLU C 14 -36.88 44.21 -9.00
N SER C 15 -36.97 43.65 -7.78
CA SER C 15 -36.72 44.33 -6.51
C SER C 15 -35.93 43.52 -5.52
N ASP C 16 -36.67 42.66 -4.83
CA ASP C 16 -36.10 41.77 -3.84
C ASP C 16 -35.54 40.50 -4.44
N ILE C 17 -35.59 40.35 -5.77
CA ILE C 17 -35.02 39.18 -6.43
C ILE C 17 -33.68 39.53 -7.04
N ASP C 18 -32.68 38.73 -6.72
CA ASP C 18 -31.33 38.86 -7.27
C ASP C 18 -31.06 37.85 -8.36
N GLU C 19 -30.27 38.25 -9.34
CA GLU C 19 -29.86 37.34 -10.42
C GLU C 19 -28.40 36.93 -10.40
N PHE C 20 -28.21 35.65 -10.47
CA PHE C 20 -26.90 35.09 -10.53
C PHE C 20 -26.77 34.32 -11.83
N ASP C 21 -25.59 34.40 -12.41
CA ASP C 21 -25.23 33.58 -13.54
C ASP C 21 -24.19 32.58 -13.05
N LEU C 22 -24.50 31.31 -13.14
CA LEU C 22 -23.66 30.25 -12.61
C LEU C 22 -22.98 29.58 -13.81
N LEU C 23 -21.66 29.67 -13.86
CA LEU C 23 -20.90 29.05 -14.93
C LEU C 23 -20.26 27.79 -14.38
N GLU C 24 -20.59 26.67 -14.99
CA GLU C 24 -20.09 25.39 -14.54
C GLU C 24 -19.16 24.86 -15.62
N GLY C 25 -17.88 24.77 -15.31
CA GLY C 25 -16.88 24.28 -16.23
C GLY C 25 -16.05 23.20 -15.56
N GLY D 1 11.97 -16.71 11.31
CA GLY D 1 12.90 -15.69 11.77
C GLY D 1 13.79 -16.16 12.90
N SER D 2 14.64 -15.26 13.38
CA SER D 2 15.54 -15.53 14.49
C SER D 2 15.22 -14.60 15.64
N ILE D 3 15.33 -15.11 16.86
CA ILE D 3 15.32 -14.27 18.04
C ILE D 3 16.69 -14.31 18.70
N VAL D 4 17.12 -13.15 19.20
CA VAL D 4 18.40 -13.02 19.88
C VAL D 4 18.10 -12.35 21.21
N ASP D 5 18.60 -12.94 22.29
CA ASP D 5 18.48 -12.35 23.61
C ASP D 5 19.87 -12.22 24.19
N GLU D 6 20.33 -10.98 24.38
CA GLU D 6 21.69 -10.71 24.84
C GLU D 6 21.62 -10.19 26.27
N PHE D 7 22.29 -10.88 27.19
CA PHE D 7 22.29 -10.51 28.60
C PHE D 7 23.67 -10.01 28.97
N GLU D 8 23.73 -8.85 29.61
CA GLU D 8 25.04 -8.32 30.00
C GLU D 8 25.30 -8.75 31.42
N GLU D 9 26.52 -9.20 31.68
CA GLU D 9 26.88 -9.73 32.99
C GLU D 9 27.49 -8.63 33.83
N LEU D 10 26.85 -8.34 34.95
CA LEU D 10 27.24 -7.24 35.82
C LEU D 10 28.20 -7.75 36.90
N GLY D 11 28.86 -6.80 37.57
CA GLY D 11 29.58 -7.17 38.78
C GLY D 11 30.86 -7.96 38.63
N GLU D 12 31.51 -7.90 37.47
CA GLU D 12 32.72 -8.69 37.25
C GLU D 12 33.89 -7.86 37.79
N GLN D 13 34.68 -8.47 38.67
CA GLN D 13 35.71 -7.77 39.42
C GLN D 13 37.13 -8.21 39.10
N GLU D 14 37.34 -9.01 38.05
CA GLU D 14 38.69 -9.49 37.81
C GLU D 14 39.23 -9.09 36.45
N SER D 15 38.41 -8.56 35.56
CA SER D 15 38.79 -8.40 34.17
C SER D 15 38.33 -7.05 33.63
N ASP D 16 39.11 -6.51 32.69
CA ASP D 16 38.73 -5.34 31.90
C ASP D 16 37.91 -5.72 30.69
N ILE D 17 37.64 -7.00 30.51
CA ILE D 17 36.84 -7.50 29.39
C ILE D 17 35.44 -7.73 29.92
N ASP D 18 34.44 -7.28 29.18
CA ASP D 18 33.06 -7.49 29.57
C ASP D 18 32.50 -8.67 28.80
N GLU D 19 31.76 -9.54 29.49
CA GLU D 19 31.16 -10.71 28.87
C GLU D 19 29.67 -10.48 28.71
N PHE D 20 29.16 -10.76 27.52
CA PHE D 20 27.73 -10.74 27.24
C PHE D 20 27.32 -12.16 26.90
N ASP D 21 26.11 -12.52 27.27
CA ASP D 21 25.59 -13.84 27.00
C ASP D 21 24.52 -13.76 25.92
N LEU D 22 24.77 -14.39 24.77
CA LEU D 22 23.90 -14.27 23.62
C LEU D 22 23.18 -15.59 23.37
N LEU D 23 21.86 -15.57 23.46
CA LEU D 23 21.05 -16.73 23.17
C LEU D 23 20.38 -16.50 21.82
N GLU D 24 20.64 -17.40 20.88
CA GLU D 24 20.10 -17.39 19.52
C GLU D 24 19.16 -18.55 19.26
N GLY D 25 17.94 -18.21 18.89
CA GLY D 25 16.94 -19.16 18.46
C GLY D 25 16.41 -18.64 17.13
#